data_3NAG
#
_entry.id   3NAG
#
_cell.length_a   38.561
_cell.length_b   141.563
_cell.length_c   49.620
_cell.angle_alpha   90.00
_cell.angle_beta   95.89
_cell.angle_gamma   90.00
#
_symmetry.space_group_name_H-M   'P 1 21 1'
#
loop_
_entity.id
_entity.type
_entity.pdbx_description
1 polymer 'Ribose-phosphate pyrophosphokinase'
2 non-polymer 'SULFATE ION'
3 non-polymer "ADENOSINE-5'-DIPHOSPHATE"
4 non-polymer 'MAGNESIUM ION'
5 water water
#
_entity_poly.entity_id   1
_entity_poly.type   'polypeptide(L)'
_entity_poly.pdbx_seq_one_letter_code
;MKIIALRSSLKLAARIAEELKTEPVMPDERRFPDGELYLRYDEDLTGHNIFIIGNTHSDAEVMEMILTLSAIQDYRTKSV
NIIAPYYGYARQHQRYKNGEPISSQILTEIYSSYSNSIATVDIHDEKTLSYSKVKFSDLHANDAIVRYYKNVDVDYVVSP
DDGGLARVADISAKLGKKHFFIEKKRIDDRTVEMKVPNVDVNGKKLLIVDDIISTGGTIAKSSGLLREKGASKIYVSAVH
GLFVNGSENKILQNADEIHVTDTVESKFSDISVYQEVCNYIRDIDA
;
_entity_poly.pdbx_strand_id   A,B
#
loop_
_chem_comp.id
_chem_comp.type
_chem_comp.name
_chem_comp.formula
ADP non-polymer ADENOSINE-5'-DIPHOSPHATE 'C10 H15 N5 O10 P2'
MG non-polymer 'MAGNESIUM ION' 'Mg 2'
SO4 non-polymer 'SULFATE ION' 'O4 S -2'
#
# COMPACT_ATOMS: atom_id res chain seq x y z
N MET A 1 23.09 18.24 -2.21
CA MET A 1 22.11 17.19 -2.48
C MET A 1 21.95 16.27 -1.28
N LYS A 2 20.76 15.70 -1.14
CA LYS A 2 20.53 14.69 -0.12
C LYS A 2 19.99 13.43 -0.81
N ILE A 3 20.59 12.30 -0.51
CA ILE A 3 20.09 11.01 -0.96
C ILE A 3 19.26 10.40 0.16
N ILE A 4 18.00 10.04 -0.12
CA ILE A 4 17.22 9.28 0.83
C ILE A 4 17.19 7.82 0.40
N ALA A 5 17.64 6.95 1.29
CA ALA A 5 17.72 5.52 0.99
C ALA A 5 16.56 4.81 1.69
N LEU A 6 15.60 4.36 0.92
CA LEU A 6 14.46 3.62 1.46
C LEU A 6 14.79 2.14 1.66
N ARG A 7 13.98 1.44 2.46
CA ARG A 7 14.27 0.07 2.87
C ARG A 7 14.62 -0.90 1.72
N SER A 8 13.87 -0.83 0.63
CA SER A 8 14.06 -1.76 -0.48
C SER A 8 15.36 -1.50 -1.24
N SER A 9 15.92 -0.30 -1.10
CA SER A 9 17.04 0.11 -1.94
C SER A 9 18.32 0.45 -1.15
N LEU A 10 18.45 -0.08 0.05
CA LEU A 10 19.57 0.29 0.92
C LEU A 10 20.94 0.07 0.25
N LYS A 11 21.10 -1.05 -0.45
CA LYS A 11 22.40 -1.42 -1.04
C LYS A 11 22.80 -0.50 -2.20
N LEU A 12 21.92 -0.39 -3.19
CA LEU A 12 22.19 0.48 -4.32
C LEU A 12 22.29 1.93 -3.88
N ALA A 13 21.37 2.36 -3.00
CA ALA A 13 21.39 3.73 -2.52
C ALA A 13 22.70 4.03 -1.80
N ALA A 14 23.21 3.07 -1.04
CA ALA A 14 24.47 3.25 -0.33
C ALA A 14 25.61 3.39 -1.33
N ARG A 15 25.58 2.56 -2.37
CA ARG A 15 26.61 2.61 -3.39
C ARG A 15 26.58 3.96 -4.08
N ILE A 16 25.38 4.44 -4.36
CA ILE A 16 25.20 5.74 -4.99
C ILE A 16 25.74 6.89 -4.14
N ALA A 17 25.37 6.91 -2.85
CA ALA A 17 25.80 7.97 -1.96
C ALA A 17 27.30 7.99 -1.78
N GLU A 18 27.91 6.82 -1.64
CA GLU A 18 29.36 6.72 -1.50
C GLU A 18 30.07 7.33 -2.72
N GLU A 19 29.57 7.00 -3.90
CA GLU A 19 30.13 7.50 -5.15
C GLU A 19 29.98 9.03 -5.21
N LEU A 20 28.87 9.54 -4.70
CA LEU A 20 28.61 10.97 -4.74
C LEU A 20 29.18 11.70 -3.52
N LYS A 21 29.84 10.93 -2.64
CA LYS A 21 30.40 11.47 -1.41
C LYS A 21 29.33 12.19 -0.57
N THR A 22 28.22 11.50 -0.32
CA THR A 22 27.16 12.09 0.49
C THR A 22 26.52 11.05 1.39
N GLU A 23 25.69 11.49 2.33
CA GLU A 23 25.05 10.58 3.27
C GLU A 23 23.88 9.88 2.63
N PRO A 24 23.75 8.56 2.83
CA PRO A 24 22.55 7.81 2.46
C PRO A 24 21.55 7.95 3.58
N VAL A 25 20.72 8.97 3.52
CA VAL A 25 19.79 9.28 4.60
C VAL A 25 18.68 8.23 4.69
N MET A 26 18.64 7.51 5.81
CA MET A 26 17.63 6.50 6.02
C MET A 26 16.58 7.01 7.01
N PRO A 27 15.33 6.61 6.82
CA PRO A 27 14.30 7.00 7.78
C PRO A 27 14.44 6.23 9.07
N ASP A 28 13.94 6.78 10.18
CA ASP A 28 13.58 5.92 11.28
C ASP A 28 12.22 5.37 10.85
N GLU A 29 12.04 4.07 10.97
CA GLU A 29 10.85 3.44 10.42
C GLU A 29 10.36 2.28 11.27
N ARG A 30 9.07 2.25 11.56
CA ARG A 30 8.52 1.11 12.29
C ARG A 30 7.04 1.02 11.99
N ARG A 31 6.43 -0.07 12.42
CA ARG A 31 4.98 -0.21 12.32
C ARG A 31 4.34 0.05 13.68
N PHE A 32 3.25 0.83 13.66
CA PHE A 32 2.44 0.99 14.85
C PHE A 32 1.79 -0.35 15.22
N PRO A 33 1.30 -0.48 16.46
CA PRO A 33 0.71 -1.76 16.87
C PRO A 33 -0.40 -2.21 15.92
N ASP A 34 -1.16 -1.26 15.38
CA ASP A 34 -2.25 -1.58 14.45
C ASP A 34 -1.80 -1.87 13.01
N GLY A 35 -0.50 -1.86 12.79
CA GLY A 35 0.02 -2.19 11.47
C GLY A 35 0.26 -0.99 10.56
N GLU A 36 -0.13 0.20 10.99
CA GLU A 36 0.16 1.38 10.18
C GLU A 36 1.65 1.74 10.17
N LEU A 37 2.09 2.28 9.03
CA LEU A 37 3.51 2.63 8.84
C LEU A 37 3.88 3.98 9.46
N TYR A 38 5.00 4.01 10.19
CA TYR A 38 5.56 5.25 10.72
C TYR A 38 6.95 5.50 10.12
N LEU A 39 7.16 6.74 9.68
CA LEU A 39 8.47 7.19 9.18
C LEU A 39 8.86 8.53 9.79
N ARG A 40 10.16 8.75 9.94
CA ARG A 40 10.64 10.05 10.38
C ARG A 40 12.02 10.36 9.79
N TYR A 41 12.16 11.55 9.23
CA TYR A 41 13.45 12.03 8.74
C TYR A 41 13.90 13.23 9.56
N ASP A 42 14.77 13.01 10.53
CA ASP A 42 15.07 14.08 11.48
C ASP A 42 16.16 15.01 10.97
N GLU A 43 16.82 14.62 9.88
CA GLU A 43 17.80 15.49 9.24
C GLU A 43 17.14 16.69 8.56
N ASP A 44 17.78 17.85 8.65
CA ASP A 44 17.28 19.07 8.01
C ASP A 44 17.54 19.02 6.52
N LEU A 45 16.50 18.82 5.72
CA LEU A 45 16.63 18.71 4.27
C LEU A 45 16.39 20.04 3.58
N THR A 46 16.14 21.08 4.38
CA THR A 46 15.82 22.40 3.84
C THR A 46 16.88 22.87 2.83
N GLY A 47 16.42 23.33 1.67
CA GLY A 47 17.28 23.95 0.68
C GLY A 47 18.08 23.00 -0.19
N HIS A 48 17.86 21.70 -0.02
CA HIS A 48 18.62 20.69 -0.76
C HIS A 48 17.82 20.07 -1.90
N ASN A 49 18.49 19.65 -2.96
CA ASN A 49 17.91 18.78 -3.96
C ASN A 49 17.82 17.38 -3.37
N ILE A 50 16.61 16.82 -3.32
CA ILE A 50 16.42 15.54 -2.67
C ILE A 50 16.24 14.44 -3.70
N PHE A 51 16.94 13.34 -3.49
CA PHE A 51 16.81 12.15 -4.31
C PHE A 51 16.34 10.98 -3.46
N ILE A 52 15.06 10.62 -3.61
CA ILE A 52 14.49 9.50 -2.87
C ILE A 52 14.68 8.24 -3.68
N ILE A 53 15.38 7.27 -3.12
CA ILE A 53 15.67 6.04 -3.83
C ILE A 53 14.98 4.85 -3.18
N GLY A 54 14.04 4.24 -3.89
CA GLY A 54 13.32 3.10 -3.37
C GLY A 54 12.42 2.48 -4.43
N ASN A 55 12.24 1.16 -4.36
CA ASN A 55 11.39 0.45 -5.32
C ASN A 55 9.90 0.73 -5.05
N THR A 56 9.05 0.46 -6.05
CA THR A 56 7.62 0.78 -5.95
C THR A 56 6.75 -0.41 -6.34
N HIS A 57 7.14 -1.59 -5.87
CA HIS A 57 6.56 -2.86 -6.31
C HIS A 57 5.60 -3.49 -5.27
N SER A 58 6.07 -3.66 -4.04
CA SER A 58 5.26 -4.26 -2.97
C SER A 58 4.35 -3.20 -2.34
N ASP A 59 3.29 -3.65 -1.68
CA ASP A 59 2.38 -2.75 -0.98
C ASP A 59 3.16 -1.87 0.00
N ALA A 60 4.07 -2.50 0.74
CA ALA A 60 4.85 -1.78 1.75
C ALA A 60 5.76 -0.73 1.10
N GLU A 61 6.35 -1.07 -0.05
CA GLU A 61 7.25 -0.13 -0.74
C GLU A 61 6.47 1.08 -1.21
N VAL A 62 5.24 0.87 -1.65
CA VAL A 62 4.41 1.96 -2.13
C VAL A 62 4.09 2.89 -0.97
N MET A 63 3.73 2.30 0.17
CA MET A 63 3.42 3.11 1.35
C MET A 63 4.65 3.88 1.83
N GLU A 64 5.81 3.24 1.79
CA GLU A 64 7.06 3.89 2.18
C GLU A 64 7.38 5.08 1.27
N MET A 65 7.10 4.93 -0.02
CA MET A 65 7.33 6.01 -0.97
C MET A 65 6.35 7.16 -0.72
N ILE A 66 5.06 6.84 -0.63
CA ILE A 66 4.03 7.86 -0.41
C ILE A 66 4.25 8.60 0.92
N LEU A 67 4.49 7.87 1.99
CA LEU A 67 4.67 8.53 3.28
C LEU A 67 5.96 9.37 3.30
N THR A 68 6.99 8.92 2.58
CA THR A 68 8.22 9.72 2.46
C THR A 68 7.93 11.03 1.74
N LEU A 69 7.11 10.96 0.69
CA LEU A 69 6.76 12.15 -0.09
C LEU A 69 5.99 13.18 0.73
N SER A 70 5.33 12.71 1.78
CA SER A 70 4.68 13.59 2.74
C SER A 70 5.66 14.12 3.80
N ALA A 71 6.50 13.23 4.31
CA ALA A 71 7.39 13.57 5.40
C ALA A 71 8.34 14.69 5.01
N ILE A 72 8.79 14.68 3.77
CA ILE A 72 9.80 15.65 3.35
C ILE A 72 9.21 17.03 3.09
N GLN A 73 7.88 17.11 3.10
CA GLN A 73 7.21 18.40 2.95
C GLN A 73 7.35 19.23 4.22
N ASP A 74 7.93 18.64 5.25
CA ASP A 74 8.18 19.37 6.49
C ASP A 74 9.34 20.34 6.28
N TYR A 75 10.06 20.15 5.18
CA TYR A 75 11.23 20.97 4.87
C TYR A 75 11.04 21.70 3.55
N ARG A 76 11.49 22.95 3.50
CA ARG A 76 11.51 23.70 2.23
C ARG A 76 12.68 23.24 1.38
N THR A 77 12.46 22.18 0.61
CA THR A 77 13.53 21.59 -0.19
C THR A 77 13.68 22.35 -1.50
N LYS A 78 14.81 22.17 -2.17
CA LYS A 78 15.05 22.78 -3.47
C LYS A 78 14.30 22.03 -4.58
N SER A 79 14.40 20.71 -4.55
CA SER A 79 13.65 19.87 -5.47
C SER A 79 13.48 18.51 -4.85
N VAL A 80 12.50 17.77 -5.35
CA VAL A 80 12.25 16.40 -4.91
C VAL A 80 12.26 15.51 -6.14
N ASN A 81 13.14 14.52 -6.15
CA ASN A 81 13.34 13.69 -7.32
C ASN A 81 13.25 12.21 -6.96
N ILE A 82 12.27 11.52 -7.52
CA ILE A 82 12.10 10.11 -7.23
C ILE A 82 12.92 9.25 -8.18
N ILE A 83 13.64 8.28 -7.61
CA ILE A 83 14.35 7.29 -8.39
C ILE A 83 13.94 5.93 -7.86
N ALA A 84 13.10 5.24 -8.63
CA ALA A 84 12.67 3.89 -8.26
C ALA A 84 13.42 2.90 -9.13
N PRO A 85 14.50 2.28 -8.60
CA PRO A 85 15.31 1.35 -9.39
C PRO A 85 14.44 0.34 -10.12
N TYR A 86 13.56 -0.32 -9.40
CA TYR A 86 12.56 -1.16 -10.04
C TYR A 86 11.20 -0.53 -9.81
N TYR A 87 10.50 -0.26 -10.91
CA TYR A 87 9.21 0.41 -10.87
C TYR A 87 8.11 -0.62 -10.95
N GLY A 88 7.27 -0.65 -9.94
CA GLY A 88 6.17 -1.61 -9.92
C GLY A 88 5.03 -1.28 -10.86
N TYR A 89 4.26 -2.31 -11.19
CA TYR A 89 3.01 -2.15 -11.94
C TYR A 89 3.18 -1.72 -13.40
N ALA A 90 4.41 -1.75 -13.88
CA ALA A 90 4.69 -1.46 -15.28
C ALA A 90 4.52 -2.73 -16.10
N ARG A 91 3.66 -3.62 -15.62
CA ARG A 91 3.39 -4.89 -16.29
C ARG A 91 2.38 -4.69 -17.42
N GLN A 92 2.71 -3.74 -18.29
CA GLN A 92 2.07 -3.59 -19.60
C GLN A 92 2.34 -2.21 -20.23
N HIS A 93 1.68 -1.14 -19.79
CA HIS A 93 0.52 -1.21 -18.89
C HIS A 93 -0.66 -0.49 -19.52
N GLN A 94 -1.76 -1.24 -19.62
CA GLN A 94 -2.98 -0.76 -20.22
C GLN A 94 -4.07 -1.66 -19.69
N ARG A 95 -5.28 -1.53 -20.22
CA ARG A 95 -6.36 -2.41 -19.81
C ARG A 95 -6.57 -3.60 -20.77
N TYR A 96 -6.36 -4.79 -20.23
CA TYR A 96 -6.75 -6.03 -20.88
C TYR A 96 -7.14 -6.99 -19.76
N LYS A 97 -8.43 -7.18 -19.50
CA LYS A 97 -9.52 -6.67 -20.33
C LYS A 97 -10.11 -5.39 -19.76
N ASN A 98 -11.43 -5.27 -19.79
CA ASN A 98 -12.08 -4.09 -19.26
C ASN A 98 -12.46 -4.21 -17.78
N GLY A 99 -12.58 -3.07 -17.13
CA GLY A 99 -12.78 -3.03 -15.70
C GLY A 99 -11.50 -3.34 -14.96
N GLU A 100 -10.37 -3.43 -15.68
CA GLU A 100 -9.06 -3.53 -15.03
C GLU A 100 -8.45 -2.16 -14.84
N PRO A 101 -7.70 -1.97 -13.73
CA PRO A 101 -7.04 -0.67 -13.57
C PRO A 101 -5.85 -0.57 -14.51
N ILE A 102 -5.54 0.66 -14.92
CA ILE A 102 -4.24 0.94 -15.49
C ILE A 102 -3.40 1.37 -14.30
N SER A 103 -2.91 0.38 -13.57
CA SER A 103 -2.31 0.62 -12.26
C SER A 103 -1.11 1.60 -12.32
N SER A 104 -0.29 1.47 -13.35
CA SER A 104 0.92 2.31 -13.43
C SER A 104 0.53 3.73 -13.77
N GLN A 105 -0.65 3.91 -14.34
CA GLN A 105 -1.12 5.26 -14.62
C GLN A 105 -1.45 6.00 -13.32
N ILE A 106 -2.34 5.43 -12.52
CA ILE A 106 -2.74 6.15 -11.32
C ILE A 106 -1.53 6.31 -10.38
N LEU A 107 -0.67 5.30 -10.30
CA LEU A 107 0.46 5.36 -9.38
C LEU A 107 1.47 6.40 -9.86
N THR A 108 1.71 6.43 -11.18
CA THR A 108 2.62 7.43 -11.72
C THR A 108 2.07 8.85 -11.51
N GLU A 109 0.76 9.03 -11.71
CA GLU A 109 0.12 10.33 -11.45
C GLU A 109 0.36 10.79 -10.00
N ILE A 110 0.12 9.89 -9.05
CA ILE A 110 0.37 10.17 -7.64
C ILE A 110 1.82 10.59 -7.42
N TYR A 111 2.77 9.77 -7.86
CA TYR A 111 4.18 10.10 -7.63
C TYR A 111 4.57 11.43 -8.24
N SER A 112 4.07 11.68 -9.45
CA SER A 112 4.37 12.87 -10.22
C SER A 112 3.76 14.10 -9.55
N SER A 113 2.66 13.91 -8.85
CA SER A 113 2.00 15.00 -8.12
C SER A 113 2.84 15.55 -6.98
N TYR A 114 3.77 14.75 -6.47
CA TYR A 114 4.52 15.12 -5.27
C TYR A 114 6.01 15.19 -5.52
N SER A 115 6.42 15.23 -6.78
CA SER A 115 7.84 15.28 -7.11
C SER A 115 8.09 16.23 -8.27
N ASN A 116 9.36 16.55 -8.52
CA ASN A 116 9.75 17.38 -9.65
C ASN A 116 10.22 16.54 -10.83
N SER A 117 10.53 15.27 -10.57
CA SER A 117 10.99 14.37 -11.61
C SER A 117 10.91 12.93 -11.09
N ILE A 118 10.78 11.98 -12.01
CA ILE A 118 10.86 10.56 -11.66
C ILE A 118 11.87 9.86 -12.58
N ALA A 119 12.51 8.80 -12.07
CA ALA A 119 13.34 7.96 -12.95
C ALA A 119 13.30 6.53 -12.49
N THR A 120 13.59 5.60 -13.39
CA THR A 120 13.64 4.19 -13.04
C THR A 120 14.65 3.54 -13.95
N VAL A 121 15.06 2.32 -13.62
CA VAL A 121 16.01 1.61 -14.47
C VAL A 121 15.27 0.55 -15.27
N ASP A 122 15.33 0.66 -16.60
CA ASP A 122 14.71 -0.32 -17.49
C ASP A 122 13.28 -0.67 -17.14
N ILE A 123 12.40 0.30 -17.32
CA ILE A 123 10.98 0.11 -17.07
C ILE A 123 10.49 -1.00 -17.99
N HIS A 124 9.50 -1.76 -17.53
CA HIS A 124 9.02 -2.91 -18.31
C HIS A 124 8.27 -2.54 -19.58
N ASP A 125 7.61 -1.39 -19.60
CA ASP A 125 7.11 -0.88 -20.88
C ASP A 125 7.02 0.62 -20.82
N GLU A 126 7.53 1.27 -21.86
CA GLU A 126 7.78 2.71 -21.83
C GLU A 126 6.51 3.56 -21.90
N LYS A 127 5.39 2.94 -22.21
CA LYS A 127 4.13 3.67 -22.26
C LYS A 127 3.90 4.35 -20.90
N THR A 128 4.25 3.63 -19.83
CA THR A 128 4.10 4.15 -18.47
C THR A 128 4.78 5.50 -18.24
N LEU A 129 5.89 5.75 -18.93
CA LEU A 129 6.57 7.04 -18.79
C LEU A 129 5.65 8.19 -19.19
N SER A 130 4.71 7.92 -20.07
CA SER A 130 3.82 8.97 -20.56
C SER A 130 2.75 9.38 -19.56
N TYR A 131 2.62 8.62 -18.47
CA TYR A 131 1.56 8.89 -17.48
C TYR A 131 1.97 9.97 -16.48
N SER A 132 3.23 10.38 -16.53
CA SER A 132 3.79 11.36 -15.61
C SER A 132 3.65 12.79 -16.13
N LYS A 133 3.26 13.72 -15.26
CA LYS A 133 3.24 15.12 -15.66
C LYS A 133 4.68 15.68 -15.65
N VAL A 134 5.50 15.22 -14.70
CA VAL A 134 6.91 15.61 -14.66
C VAL A 134 7.74 14.66 -15.51
N LYS A 135 8.95 15.09 -15.88
CA LYS A 135 9.84 14.23 -16.66
C LYS A 135 10.09 12.90 -15.96
N PHE A 136 9.83 11.83 -16.69
CA PHE A 136 10.01 10.47 -16.18
C PHE A 136 11.05 9.79 -17.06
N SER A 137 12.27 9.62 -16.53
CA SER A 137 13.37 9.10 -17.32
C SER A 137 13.55 7.60 -17.18
N ASP A 138 13.88 6.95 -18.28
CA ASP A 138 14.19 5.53 -18.30
C ASP A 138 15.71 5.34 -18.41
N LEU A 139 16.33 4.96 -17.29
CA LEU A 139 17.76 4.69 -17.26
C LEU A 139 18.00 3.25 -17.70
N HIS A 140 19.23 2.95 -18.11
CA HIS A 140 19.52 1.60 -18.61
C HIS A 140 20.72 0.92 -17.95
N ALA A 141 20.56 -0.37 -17.63
CA ALA A 141 21.62 -1.15 -16.98
C ALA A 141 22.59 -1.73 -17.99
N ASN A 142 22.33 -1.47 -19.28
CA ASN A 142 23.18 -2.01 -20.35
C ASN A 142 24.69 -1.91 -20.11
N ASP A 143 25.17 -0.71 -19.81
CA ASP A 143 26.61 -0.51 -19.68
C ASP A 143 27.19 -1.31 -18.52
N ALA A 144 26.44 -1.41 -17.42
CA ALA A 144 26.91 -2.18 -16.26
C ALA A 144 26.98 -3.66 -16.60
N ILE A 145 26.01 -4.14 -17.37
CA ILE A 145 26.01 -5.53 -17.80
C ILE A 145 27.18 -5.78 -18.76
N VAL A 146 27.42 -4.84 -19.68
CA VAL A 146 28.55 -4.99 -20.59
C VAL A 146 29.87 -5.03 -19.80
N ARG A 147 29.99 -4.16 -18.81
CA ARG A 147 31.20 -4.13 -17.99
C ARG A 147 31.47 -5.48 -17.34
N TYR A 148 30.41 -6.12 -16.84
CA TYR A 148 30.54 -7.40 -16.17
C TYR A 148 31.01 -8.49 -17.14
N TYR A 149 30.40 -8.54 -18.32
CA TYR A 149 30.65 -9.65 -19.24
C TYR A 149 31.84 -9.43 -20.17
N LYS A 150 32.47 -8.27 -20.09
CA LYS A 150 33.66 -8.02 -20.92
C LYS A 150 34.76 -9.04 -20.62
N ASN A 151 34.80 -9.53 -19.39
CA ASN A 151 35.79 -10.53 -19.00
C ASN A 151 35.25 -11.94 -18.95
N VAL A 152 34.17 -12.19 -19.68
CA VAL A 152 33.58 -13.53 -19.72
C VAL A 152 33.60 -14.04 -21.15
N ASP A 153 33.79 -15.35 -21.32
CA ASP A 153 33.77 -15.92 -22.66
C ASP A 153 32.32 -16.09 -23.15
N VAL A 154 31.92 -15.24 -24.08
CA VAL A 154 30.57 -15.28 -24.64
C VAL A 154 30.57 -15.37 -26.17
N ASP A 155 29.77 -16.27 -26.73
CA ASP A 155 29.64 -16.39 -28.18
C ASP A 155 28.45 -15.57 -28.72
N TYR A 156 27.31 -15.66 -28.05
CA TYR A 156 26.13 -14.93 -28.48
C TYR A 156 25.44 -14.35 -27.28
N VAL A 157 24.86 -13.17 -27.46
CA VAL A 157 23.91 -12.62 -26.50
C VAL A 157 22.50 -12.95 -27.05
N VAL A 158 21.60 -13.35 -26.16
CA VAL A 158 20.31 -13.93 -26.57
C VAL A 158 19.17 -13.27 -25.82
N SER A 159 18.10 -12.90 -26.53
CA SER A 159 16.85 -12.55 -25.87
C SER A 159 15.97 -13.79 -25.80
N PRO A 160 15.34 -14.03 -24.64
CA PRO A 160 14.46 -15.17 -24.37
C PRO A 160 13.16 -15.08 -25.16
N ASP A 161 12.86 -13.91 -25.69
CA ASP A 161 11.63 -13.69 -26.46
C ASP A 161 11.84 -12.58 -27.48
N ASP A 162 10.81 -12.29 -28.26
CA ASP A 162 10.95 -11.31 -29.34
C ASP A 162 10.66 -9.87 -28.92
N GLY A 163 10.79 -9.57 -27.63
CA GLY A 163 10.53 -8.24 -27.12
C GLY A 163 11.70 -7.49 -26.51
N GLY A 164 12.66 -8.22 -25.94
CA GLY A 164 13.80 -7.56 -25.32
C GLY A 164 14.94 -7.38 -26.31
N LEU A 165 14.60 -7.06 -27.56
CA LEU A 165 15.58 -7.08 -28.64
C LEU A 165 16.55 -5.90 -28.66
N ALA A 166 16.05 -4.70 -28.40
CA ALA A 166 16.89 -3.53 -28.49
C ALA A 166 18.00 -3.59 -27.45
N ARG A 167 17.66 -4.09 -26.26
CA ARG A 167 18.63 -4.23 -25.19
C ARG A 167 19.73 -5.24 -25.55
N VAL A 168 19.31 -6.38 -26.08
CA VAL A 168 20.23 -7.45 -26.48
C VAL A 168 21.14 -7.00 -27.63
N ALA A 169 20.57 -6.24 -28.56
CA ALA A 169 21.35 -5.70 -29.69
C ALA A 169 22.40 -4.71 -29.20
N ASP A 170 22.01 -3.86 -28.26
CA ASP A 170 22.92 -2.85 -27.76
C ASP A 170 24.03 -3.48 -26.93
N ILE A 171 23.66 -4.39 -26.02
CA ILE A 171 24.63 -5.08 -25.20
C ILE A 171 25.62 -5.87 -26.07
N SER A 172 25.12 -6.60 -27.06
CA SER A 172 26.01 -7.40 -27.92
C SER A 172 26.93 -6.51 -28.75
N ALA A 173 26.40 -5.39 -29.23
CA ALA A 173 27.20 -4.45 -30.00
C ALA A 173 28.35 -3.97 -29.11
N LYS A 174 28.03 -3.65 -27.86
CA LYS A 174 29.04 -3.17 -26.91
C LYS A 174 30.07 -4.23 -26.52
N LEU A 175 29.67 -5.50 -26.57
CA LEU A 175 30.59 -6.60 -26.27
C LEU A 175 31.29 -7.11 -27.53
N GLY A 176 30.87 -6.60 -28.68
CA GLY A 176 31.42 -7.05 -29.94
C GLY A 176 31.00 -8.46 -30.30
N LYS A 177 29.78 -8.83 -29.93
CA LYS A 177 29.28 -10.19 -30.13
C LYS A 177 28.08 -10.22 -31.06
N LYS A 178 27.84 -11.37 -31.68
CA LYS A 178 26.63 -11.62 -32.43
C LYS A 178 25.47 -11.82 -31.44
N HIS A 179 24.24 -11.75 -31.93
CA HIS A 179 23.10 -11.96 -31.05
C HIS A 179 21.95 -12.60 -31.80
N PHE A 180 21.00 -13.15 -31.05
CA PHE A 180 19.77 -13.67 -31.65
C PHE A 180 18.69 -13.70 -30.59
N PHE A 181 17.46 -13.99 -31.01
CA PHE A 181 16.39 -14.15 -30.03
C PHE A 181 15.64 -15.46 -30.25
N ILE A 182 14.92 -15.87 -29.23
CA ILE A 182 14.07 -17.05 -29.32
C ILE A 182 12.63 -16.60 -29.34
N GLU A 183 11.89 -17.04 -30.34
CA GLU A 183 10.45 -16.88 -30.32
C GLU A 183 9.81 -18.17 -29.84
N LYS A 184 9.11 -18.11 -28.72
CA LYS A 184 8.37 -19.28 -28.27
C LYS A 184 6.87 -19.02 -28.35
N LYS A 185 6.15 -19.95 -28.97
CA LYS A 185 4.68 -19.88 -28.99
C LYS A 185 4.07 -21.24 -28.70
N ARG A 186 2.88 -21.22 -28.13
CA ARG A 186 2.18 -22.46 -27.87
C ARG A 186 1.14 -22.62 -28.95
N ILE A 187 1.17 -23.74 -29.64
CA ILE A 187 0.18 -24.00 -30.67
C ILE A 187 -0.49 -25.33 -30.38
N ASP A 188 -1.73 -25.27 -29.89
CA ASP A 188 -2.50 -26.47 -29.57
C ASP A 188 -1.74 -27.42 -28.64
N ASP A 189 -1.47 -26.95 -27.43
CA ASP A 189 -0.87 -27.81 -26.41
C ASP A 189 0.61 -28.16 -26.63
N ARG A 190 1.06 -28.07 -27.87
CA ARG A 190 2.49 -28.28 -28.15
C ARG A 190 3.24 -26.95 -28.28
N THR A 191 4.52 -26.98 -27.94
CA THR A 191 5.31 -25.77 -27.93
C THR A 191 6.20 -25.70 -29.17
N VAL A 192 6.30 -24.51 -29.75
CA VAL A 192 7.18 -24.32 -30.90
C VAL A 192 8.18 -23.20 -30.67
N GLU A 193 9.46 -23.50 -30.93
CA GLU A 193 10.57 -22.56 -30.80
C GLU A 193 11.19 -22.21 -32.13
N MET A 194 11.45 -20.93 -32.35
CA MET A 194 12.24 -20.47 -33.51
C MET A 194 13.39 -19.62 -33.01
N LYS A 195 14.60 -19.85 -33.52
CA LYS A 195 15.72 -18.94 -33.27
C LYS A 195 15.82 -17.97 -34.45
N VAL A 196 16.00 -16.69 -34.14
CA VAL A 196 16.03 -15.65 -35.15
C VAL A 196 17.22 -14.72 -34.94
N PRO A 197 18.23 -14.80 -35.82
CA PRO A 197 18.36 -15.76 -36.92
C PRO A 197 18.59 -17.16 -36.38
N ASN A 198 18.51 -18.18 -37.24
CA ASN A 198 18.59 -19.57 -36.79
C ASN A 198 20.04 -19.99 -36.57
N VAL A 199 20.63 -19.39 -35.54
CA VAL A 199 22.01 -19.60 -35.10
C VAL A 199 22.24 -21.03 -34.62
N ASP A 200 23.36 -21.62 -35.01
CA ASP A 200 23.77 -22.92 -34.48
C ASP A 200 24.44 -22.74 -33.10
N VAL A 201 23.79 -23.25 -32.05
CA VAL A 201 24.30 -23.03 -30.69
C VAL A 201 25.08 -24.22 -30.15
N ASN A 202 25.24 -25.25 -30.97
CA ASN A 202 26.02 -26.42 -30.60
C ASN A 202 27.45 -26.04 -30.20
N GLY A 203 27.79 -26.27 -28.94
CA GLY A 203 29.10 -25.97 -28.39
C GLY A 203 29.38 -24.49 -28.14
N LYS A 204 28.32 -23.70 -28.10
CA LYS A 204 28.47 -22.25 -27.99
C LYS A 204 28.12 -21.75 -26.58
N LYS A 205 28.76 -20.66 -26.17
CA LYS A 205 28.49 -20.04 -24.87
C LYS A 205 27.53 -18.88 -25.04
N LEU A 206 26.42 -18.92 -24.31
CA LEU A 206 25.33 -17.98 -24.53
C LEU A 206 25.07 -17.12 -23.30
N LEU A 207 24.89 -15.82 -23.52
CA LEU A 207 24.40 -14.93 -22.46
C LEU A 207 22.97 -14.56 -22.76
N ILE A 208 22.04 -15.03 -21.93
CA ILE A 208 20.64 -14.68 -22.11
C ILE A 208 20.33 -13.48 -21.22
N VAL A 209 19.71 -12.45 -21.81
CA VAL A 209 19.38 -11.25 -21.07
C VAL A 209 17.90 -10.90 -21.17
N ASP A 210 17.29 -10.57 -20.03
CA ASP A 210 15.90 -10.14 -19.99
C ASP A 210 15.79 -8.98 -19.00
N ASP A 211 14.65 -8.30 -18.99
CA ASP A 211 14.50 -7.19 -18.06
C ASP A 211 14.16 -7.64 -16.64
N ILE A 212 13.18 -8.53 -16.52
CA ILE A 212 12.76 -9.02 -15.22
C ILE A 212 12.76 -10.54 -15.15
N ILE A 213 13.19 -11.08 -14.01
CA ILE A 213 12.93 -12.47 -13.67
C ILE A 213 11.97 -12.53 -12.48
N SER A 214 10.81 -13.11 -12.72
CA SER A 214 9.80 -13.31 -11.68
C SER A 214 9.71 -14.80 -11.36
N THR A 215 8.84 -15.52 -12.05
CA THR A 215 8.71 -16.96 -11.84
C THR A 215 9.86 -17.72 -12.48
N GLY A 216 10.61 -17.05 -13.34
CA GLY A 216 11.72 -17.68 -14.05
C GLY A 216 11.27 -18.59 -15.19
N GLY A 217 9.97 -18.68 -15.41
CA GLY A 217 9.44 -19.57 -16.44
C GLY A 217 10.01 -19.34 -17.84
N THR A 218 9.98 -18.08 -18.29
CA THR A 218 10.42 -17.71 -19.63
C THR A 218 11.90 -18.04 -19.87
N ILE A 219 12.74 -17.59 -18.95
CA ILE A 219 14.17 -17.84 -19.01
C ILE A 219 14.50 -19.32 -18.89
N ALA A 220 13.80 -20.02 -18.00
CA ALA A 220 14.09 -21.43 -17.77
C ALA A 220 13.73 -22.29 -18.98
N LYS A 221 12.63 -21.95 -19.64
CA LYS A 221 12.21 -22.65 -20.84
C LYS A 221 13.24 -22.45 -21.95
N SER A 222 13.71 -21.22 -22.10
CA SER A 222 14.68 -20.91 -23.14
C SER A 222 16.07 -21.49 -22.87
N SER A 223 16.48 -21.50 -21.61
CA SER A 223 17.74 -22.13 -21.24
C SER A 223 17.71 -23.62 -21.56
N GLY A 224 16.57 -24.26 -21.25
CA GLY A 224 16.41 -25.68 -21.51
C GLY A 224 16.48 -26.01 -22.99
N LEU A 225 15.81 -25.19 -23.81
CA LEU A 225 15.89 -25.35 -25.25
C LEU A 225 17.34 -25.31 -25.74
N LEU A 226 18.09 -24.31 -25.28
CA LEU A 226 19.45 -24.09 -25.77
C LEU A 226 20.42 -25.17 -25.27
N ARG A 227 20.28 -25.56 -24.01
CA ARG A 227 21.10 -26.63 -23.47
C ARG A 227 20.86 -27.89 -24.29
N GLU A 228 19.58 -28.14 -24.58
CA GLU A 228 19.15 -29.28 -25.37
C GLU A 228 19.83 -29.32 -26.72
N LYS A 229 19.98 -28.14 -27.33
CA LYS A 229 20.57 -28.03 -28.67
C LYS A 229 22.11 -28.01 -28.62
N GLY A 230 22.68 -28.17 -27.44
CA GLY A 230 24.11 -28.31 -27.31
C GLY A 230 24.89 -27.09 -26.82
N ALA A 231 24.21 -26.08 -26.31
CA ALA A 231 24.92 -24.95 -25.74
C ALA A 231 25.87 -25.46 -24.66
N SER A 232 27.10 -24.93 -24.64
CA SER A 232 28.12 -25.42 -23.72
C SER A 232 28.13 -24.66 -22.40
N LYS A 233 27.69 -23.41 -22.43
CA LYS A 233 27.59 -22.60 -21.23
C LYS A 233 26.44 -21.62 -21.40
N ILE A 234 25.63 -21.45 -20.37
CA ILE A 234 24.54 -20.49 -20.41
C ILE A 234 24.60 -19.58 -19.18
N TYR A 235 24.80 -18.29 -19.42
CA TYR A 235 24.76 -17.29 -18.38
C TYR A 235 23.41 -16.60 -18.47
N VAL A 236 22.75 -16.42 -17.33
CA VAL A 236 21.45 -15.74 -17.32
C VAL A 236 21.56 -14.42 -16.58
N SER A 237 21.20 -13.35 -17.26
CA SER A 237 21.14 -12.05 -16.63
C SER A 237 19.80 -11.37 -16.83
N ALA A 238 19.44 -10.54 -15.87
CA ALA A 238 18.27 -9.67 -15.97
C ALA A 238 18.56 -8.42 -15.16
N VAL A 239 17.81 -7.36 -15.39
CA VAL A 239 17.98 -6.16 -14.60
C VAL A 239 17.39 -6.38 -13.21
N HIS A 240 16.13 -6.80 -13.18
CA HIS A 240 15.36 -6.90 -11.94
C HIS A 240 15.11 -8.35 -11.59
N GLY A 241 15.79 -8.83 -10.54
CA GLY A 241 15.68 -10.21 -10.09
C GLY A 241 14.70 -10.35 -8.94
N LEU A 242 13.44 -10.59 -9.27
CA LEU A 242 12.41 -10.77 -8.25
C LEU A 242 12.49 -12.17 -7.63
N PHE A 243 12.70 -13.16 -8.48
CA PHE A 243 12.86 -14.55 -8.02
C PHE A 243 11.80 -15.01 -7.04
N VAL A 244 10.56 -15.15 -7.52
CA VAL A 244 9.49 -15.72 -6.72
C VAL A 244 9.62 -17.25 -6.75
N ASN A 245 9.34 -17.90 -5.62
CA ASN A 245 9.52 -19.35 -5.51
C ASN A 245 8.99 -20.13 -6.71
N GLY A 246 9.80 -21.03 -7.27
CA GLY A 246 11.19 -21.19 -6.92
C GLY A 246 12.02 -20.98 -8.19
N SER A 247 12.00 -19.75 -8.67
CA SER A 247 12.54 -19.39 -9.97
C SER A 247 14.00 -19.77 -10.13
N GLU A 248 14.79 -19.55 -9.07
CA GLU A 248 16.22 -19.78 -9.13
C GLU A 248 16.54 -21.20 -9.55
N ASN A 249 15.87 -22.15 -8.90
CA ASN A 249 16.10 -23.57 -9.18
C ASN A 249 15.61 -24.00 -10.56
N LYS A 250 14.54 -23.39 -11.04
CA LYS A 250 14.05 -23.71 -12.38
C LYS A 250 15.09 -23.29 -13.41
N ILE A 251 15.66 -22.10 -13.20
CA ILE A 251 16.63 -21.54 -14.13
C ILE A 251 17.95 -22.32 -14.12
N LEU A 252 18.45 -22.61 -12.93
CA LEU A 252 19.71 -23.33 -12.77
C LEU A 252 19.61 -24.82 -13.12
N GLN A 253 18.41 -25.26 -13.50
CA GLN A 253 18.25 -26.61 -14.04
C GLN A 253 19.11 -26.75 -15.30
N ASN A 254 19.20 -25.68 -16.08
CA ASN A 254 19.92 -25.73 -17.35
C ASN A 254 20.91 -24.59 -17.56
N ALA A 255 20.78 -23.53 -16.78
CA ALA A 255 21.75 -22.43 -16.85
C ALA A 255 22.86 -22.70 -15.86
N ASP A 256 24.04 -22.15 -16.14
CA ASP A 256 25.22 -22.34 -15.31
C ASP A 256 25.31 -21.28 -14.23
N GLU A 257 24.88 -20.06 -14.55
CA GLU A 257 25.06 -18.92 -13.65
C GLU A 257 23.93 -17.91 -13.80
N ILE A 258 23.64 -17.20 -12.72
CA ILE A 258 22.68 -16.11 -12.73
C ILE A 258 23.35 -14.85 -12.21
N HIS A 259 23.28 -13.76 -12.98
CA HIS A 259 23.80 -12.48 -12.52
C HIS A 259 22.81 -11.36 -12.82
N VAL A 260 22.25 -10.76 -11.78
CA VAL A 260 21.31 -9.67 -11.95
C VAL A 260 21.86 -8.41 -11.31
N THR A 261 21.13 -7.30 -11.40
CA THR A 261 21.63 -6.05 -10.83
C THR A 261 21.20 -5.87 -9.38
N ASP A 262 21.61 -4.76 -8.78
CA ASP A 262 21.15 -4.40 -7.44
C ASP A 262 19.88 -3.54 -7.43
N THR A 263 19.15 -3.46 -8.54
CA THR A 263 17.87 -2.73 -8.50
C THR A 263 16.98 -3.42 -7.48
N VAL A 264 17.02 -4.75 -7.50
CA VAL A 264 16.34 -5.55 -6.51
C VAL A 264 17.43 -6.41 -5.89
N GLU A 265 17.70 -6.20 -4.61
CA GLU A 265 18.85 -6.83 -3.99
C GLU A 265 18.59 -8.29 -3.63
N SER A 266 19.42 -9.18 -4.16
CA SER A 266 19.36 -10.61 -3.82
C SER A 266 20.77 -11.18 -3.85
N LYS A 267 20.90 -12.47 -3.55
CA LYS A 267 22.19 -13.15 -3.58
C LYS A 267 22.80 -13.14 -4.99
N PHE A 268 21.97 -12.89 -5.99
CA PHE A 268 22.45 -12.89 -7.38
C PHE A 268 22.78 -11.50 -7.90
N SER A 269 22.67 -10.49 -7.03
CA SER A 269 22.99 -9.12 -7.42
C SER A 269 24.49 -8.87 -7.54
N ASP A 270 25.06 -9.28 -8.66
CA ASP A 270 26.51 -9.18 -8.89
C ASP A 270 26.87 -7.95 -9.72
N ILE A 271 25.86 -7.30 -10.27
CA ILE A 271 26.09 -6.18 -11.17
C ILE A 271 25.40 -4.94 -10.63
N SER A 272 26.16 -3.90 -10.32
CA SER A 272 25.57 -2.70 -9.75
C SER A 272 25.28 -1.67 -10.81
N VAL A 273 24.17 -0.96 -10.66
CA VAL A 273 23.84 0.10 -11.58
C VAL A 273 24.10 1.50 -11.01
N TYR A 274 24.93 1.58 -9.96
CA TYR A 274 25.16 2.85 -9.30
C TYR A 274 25.73 3.93 -10.23
N GLN A 275 26.59 3.53 -11.17
CA GLN A 275 27.18 4.51 -12.05
C GLN A 275 26.12 5.13 -12.94
N GLU A 276 25.22 4.30 -13.45
CA GLU A 276 24.15 4.77 -14.31
C GLU A 276 23.25 5.77 -13.57
N VAL A 277 22.92 5.45 -12.33
CA VAL A 277 22.08 6.35 -11.53
C VAL A 277 22.83 7.63 -11.14
N CYS A 278 24.11 7.50 -10.80
CA CYS A 278 24.93 8.67 -10.52
C CYS A 278 25.02 9.62 -11.72
N ASN A 279 25.10 9.05 -12.92
CA ASN A 279 25.11 9.88 -14.12
C ASN A 279 23.87 10.73 -14.23
N TYR A 280 22.72 10.09 -13.97
CA TYR A 280 21.44 10.76 -14.01
C TYR A 280 21.39 11.86 -12.94
N ILE A 281 21.78 11.52 -11.71
CA ILE A 281 21.78 12.50 -10.62
C ILE A 281 22.70 13.67 -10.92
N ARG A 282 23.90 13.35 -11.40
CA ARG A 282 24.86 14.39 -11.79
C ARG A 282 24.32 15.30 -12.89
N ASP A 283 23.58 14.73 -13.83
CA ASP A 283 23.08 15.48 -14.98
C ASP A 283 21.69 16.09 -14.77
N ILE A 284 21.11 15.89 -13.58
CA ILE A 284 19.83 16.50 -13.23
C ILE A 284 20.03 17.78 -12.45
N MET B 1 -27.70 3.49 -8.96
CA MET B 1 -26.51 3.50 -8.12
C MET B 1 -25.77 2.16 -8.20
N LYS B 2 -24.46 2.19 -8.03
CA LYS B 2 -23.68 0.97 -7.93
C LYS B 2 -22.87 1.02 -6.65
N ILE B 3 -22.97 -0.04 -5.86
CA ILE B 3 -22.19 -0.19 -4.64
C ILE B 3 -21.06 -1.16 -4.94
N ILE B 4 -19.82 -0.72 -4.71
CA ILE B 4 -18.66 -1.60 -4.81
C ILE B 4 -18.23 -1.99 -3.41
N ALA B 5 -18.15 -3.29 -3.16
CA ALA B 5 -17.84 -3.81 -1.84
C ALA B 5 -16.42 -4.39 -1.86
N LEU B 6 -15.48 -3.68 -1.25
CA LEU B 6 -14.10 -4.14 -1.24
C LEU B 6 -13.91 -5.19 -0.15
N ARG B 7 -12.84 -5.95 -0.24
CA ARG B 7 -12.58 -7.07 0.67
C ARG B 7 -12.75 -6.74 2.16
N SER B 8 -12.22 -5.61 2.59
CA SER B 8 -12.23 -5.30 4.01
C SER B 8 -13.63 -4.97 4.54
N SER B 9 -14.56 -4.63 3.66
CA SER B 9 -15.90 -4.19 4.09
C SER B 9 -17.06 -5.06 3.59
N LEU B 10 -16.78 -6.31 3.24
CA LEU B 10 -17.85 -7.15 2.66
C LEU B 10 -19.11 -7.24 3.52
N LYS B 11 -18.96 -7.32 4.84
CA LYS B 11 -20.14 -7.52 5.70
C LYS B 11 -21.02 -6.28 5.71
N LEU B 12 -20.40 -5.14 6.00
CA LEU B 12 -21.13 -3.88 6.01
C LEU B 12 -21.64 -3.50 4.62
N ALA B 13 -20.82 -3.66 3.59
CA ALA B 13 -21.24 -3.26 2.26
C ALA B 13 -22.43 -4.10 1.82
N ALA B 14 -22.44 -5.38 2.18
CA ALA B 14 -23.53 -6.27 1.81
C ALA B 14 -24.83 -5.85 2.50
N ARG B 15 -24.72 -5.50 3.77
CA ARG B 15 -25.88 -5.03 4.51
C ARG B 15 -26.42 -3.75 3.88
N ILE B 16 -25.51 -2.85 3.50
CA ILE B 16 -25.91 -1.61 2.86
C ILE B 16 -26.60 -1.88 1.53
N ALA B 17 -25.99 -2.71 0.70
CA ALA B 17 -26.55 -3.02 -0.61
C ALA B 17 -27.94 -3.63 -0.50
N GLU B 18 -28.11 -4.53 0.45
CA GLU B 18 -29.40 -5.22 0.61
C GLU B 18 -30.48 -4.24 1.03
N GLU B 19 -30.15 -3.34 1.96
CA GLU B 19 -31.07 -2.30 2.37
C GLU B 19 -31.49 -1.41 1.20
N LEU B 20 -30.56 -1.11 0.31
CA LEU B 20 -30.82 -0.25 -0.83
C LEU B 20 -31.25 -1.02 -2.10
N LYS B 21 -31.52 -2.32 -1.94
CA LYS B 21 -32.00 -3.17 -3.03
C LYS B 21 -31.07 -3.14 -4.25
N THR B 22 -29.78 -3.28 -4.03
CA THR B 22 -28.81 -3.25 -5.13
C THR B 22 -27.69 -4.26 -4.93
N GLU B 23 -26.91 -4.51 -5.99
CA GLU B 23 -25.86 -5.51 -5.93
C GLU B 23 -24.69 -5.00 -5.11
N PRO B 24 -24.14 -5.84 -4.23
CA PRO B 24 -22.83 -5.48 -3.69
C PRO B 24 -21.79 -5.96 -4.67
N VAL B 25 -21.33 -5.08 -5.57
CA VAL B 25 -20.40 -5.49 -6.61
C VAL B 25 -19.02 -5.72 -6.02
N MET B 26 -18.54 -6.96 -6.12
CA MET B 26 -17.18 -7.28 -5.68
C MET B 26 -16.25 -7.39 -6.87
N PRO B 27 -14.97 -7.03 -6.68
CA PRO B 27 -14.00 -7.20 -7.76
C PRO B 27 -13.62 -8.67 -7.85
N ASP B 28 -13.20 -9.11 -9.02
CA ASP B 28 -12.37 -10.29 -9.05
C ASP B 28 -11.01 -9.77 -8.61
N GLU B 29 -10.39 -10.46 -7.66
CA GLU B 29 -9.16 -9.97 -7.04
C GLU B 29 -8.18 -11.10 -6.75
N ARG B 30 -6.91 -10.89 -7.07
CA ARG B 30 -5.87 -11.87 -6.79
C ARG B 30 -4.51 -11.18 -6.77
N ARG B 31 -3.49 -11.92 -6.36
CA ARG B 31 -2.11 -11.42 -6.41
C ARG B 31 -1.38 -12.10 -7.56
N PHE B 32 -0.69 -11.31 -8.38
CA PHE B 32 0.26 -11.87 -9.33
C PHE B 32 1.35 -12.64 -8.58
N PRO B 33 2.07 -13.52 -9.28
CA PRO B 33 3.17 -14.27 -8.68
C PRO B 33 4.17 -13.36 -7.94
N ASP B 34 4.42 -12.18 -8.49
CA ASP B 34 5.39 -11.25 -7.90
C ASP B 34 4.80 -10.43 -6.74
N GLY B 35 3.52 -10.64 -6.45
CA GLY B 35 2.90 -10.05 -5.29
C GLY B 35 2.13 -8.77 -5.56
N GLU B 36 2.16 -8.30 -6.80
CA GLU B 36 1.39 -7.12 -7.15
C GLU B 36 -0.10 -7.45 -7.22
N LEU B 37 -0.93 -6.44 -7.00
CA LEU B 37 -2.37 -6.64 -6.86
C LEU B 37 -3.07 -6.53 -8.18
N TYR B 38 -3.99 -7.47 -8.44
CA TYR B 38 -4.80 -7.48 -9.64
C TYR B 38 -6.26 -7.33 -9.23
N LEU B 39 -6.97 -6.39 -9.89
CA LEU B 39 -8.42 -6.24 -9.72
C LEU B 39 -9.11 -6.19 -11.07
N ARG B 40 -10.36 -6.63 -11.11
CA ARG B 40 -11.16 -6.45 -12.31
C ARG B 40 -12.64 -6.33 -11.96
N TYR B 41 -13.28 -5.32 -12.54
CA TYR B 41 -14.72 -5.10 -12.37
C TYR B 41 -15.36 -5.23 -13.74
N ASP B 42 -16.03 -6.34 -14.01
CA ASP B 42 -16.58 -6.53 -15.35
C ASP B 42 -17.99 -5.95 -15.55
N GLU B 43 -18.66 -5.61 -14.45
CA GLU B 43 -19.97 -4.98 -14.52
C GLU B 43 -19.88 -3.63 -15.21
N ASP B 44 -20.88 -3.30 -16.02
CA ASP B 44 -20.92 -2.01 -16.68
C ASP B 44 -21.38 -0.94 -15.71
N LEU B 45 -20.46 -0.06 -15.33
CA LEU B 45 -20.74 0.96 -14.32
C LEU B 45 -21.07 2.30 -14.98
N THR B 46 -21.11 2.30 -16.30
CA THR B 46 -21.37 3.52 -17.06
C THR B 46 -22.64 4.23 -16.64
N GLY B 47 -22.54 5.53 -16.38
CA GLY B 47 -23.69 6.38 -16.14
C GLY B 47 -24.32 6.28 -14.75
N HIS B 48 -23.69 5.49 -13.88
CA HIS B 48 -24.19 5.34 -12.52
C HIS B 48 -23.41 6.17 -11.51
N ASN B 49 -24.06 6.46 -10.37
CA ASN B 49 -23.39 6.97 -9.19
C ASN B 49 -22.72 5.80 -8.49
N ILE B 50 -21.40 5.84 -8.36
CA ILE B 50 -20.66 4.74 -7.77
C ILE B 50 -20.31 5.01 -6.31
N PHE B 51 -20.55 4.03 -5.45
CA PHE B 51 -20.15 4.11 -4.05
C PHE B 51 -19.19 2.98 -3.72
N ILE B 52 -17.92 3.33 -3.53
CA ILE B 52 -16.88 2.35 -3.21
C ILE B 52 -16.75 2.25 -1.69
N ILE B 53 -16.94 1.05 -1.16
CA ILE B 53 -16.92 0.88 0.29
C ILE B 53 -15.77 -0.03 0.70
N GLY B 54 -14.80 0.52 1.43
CA GLY B 54 -13.69 -0.26 1.91
C GLY B 54 -12.87 0.56 2.86
N ASN B 55 -12.26 -0.10 3.84
CA ASN B 55 -11.41 0.58 4.81
C ASN B 55 -10.08 1.01 4.19
N THR B 56 -9.35 1.88 4.90
CA THR B 56 -8.13 2.44 4.33
C THR B 56 -6.94 2.45 5.29
N HIS B 57 -6.78 1.37 6.05
CA HIS B 57 -5.78 1.34 7.10
C HIS B 57 -4.58 0.40 6.87
N SER B 58 -4.80 -0.79 6.32
CA SER B 58 -3.68 -1.69 6.00
C SER B 58 -3.07 -1.33 4.65
N ASP B 59 -1.82 -1.71 4.41
CA ASP B 59 -1.19 -1.50 3.10
C ASP B 59 -2.06 -2.08 1.98
N ALA B 60 -2.58 -3.29 2.20
CA ALA B 60 -3.39 -3.95 1.17
C ALA B 60 -4.69 -3.21 0.92
N GLU B 61 -5.30 -2.70 1.98
CA GLU B 61 -6.53 -1.92 1.85
C GLU B 61 -6.33 -0.65 1.03
N VAL B 62 -5.20 0.03 1.27
CA VAL B 62 -4.89 1.25 0.53
C VAL B 62 -4.70 0.93 -0.95
N MET B 63 -3.98 -0.14 -1.24
CA MET B 63 -3.79 -0.55 -2.64
C MET B 63 -5.12 -0.93 -3.30
N GLU B 64 -5.96 -1.66 -2.56
CA GLU B 64 -7.28 -2.01 -3.05
C GLU B 64 -8.12 -0.77 -3.39
N MET B 65 -8.08 0.23 -2.52
CA MET B 65 -8.80 1.47 -2.78
C MET B 65 -8.24 2.21 -4.00
N ILE B 66 -6.93 2.45 -4.01
CA ILE B 66 -6.31 3.15 -5.13
C ILE B 66 -6.51 2.44 -6.48
N LEU B 67 -6.30 1.13 -6.51
CA LEU B 67 -6.47 0.41 -7.77
C LEU B 67 -7.93 0.38 -8.20
N THR B 68 -8.86 0.38 -7.25
CA THR B 68 -10.27 0.46 -7.59
C THR B 68 -10.57 1.81 -8.23
N LEU B 69 -10.00 2.87 -7.66
CA LEU B 69 -10.20 4.22 -8.18
C LEU B 69 -9.65 4.36 -9.60
N SER B 70 -8.64 3.56 -9.95
CA SER B 70 -8.16 3.52 -11.33
C SER B 70 -9.09 2.70 -12.23
N ALA B 71 -9.47 1.51 -11.75
CA ALA B 71 -10.37 0.64 -12.48
C ALA B 71 -11.67 1.31 -12.91
N ILE B 72 -12.25 2.12 -12.04
CA ILE B 72 -13.54 2.73 -12.37
C ILE B 72 -13.44 3.84 -13.43
N GLN B 73 -12.23 4.31 -13.70
CA GLN B 73 -12.05 5.28 -14.77
C GLN B 73 -12.22 4.62 -16.15
N ASP B 74 -12.35 3.30 -16.15
CA ASP B 74 -12.61 2.59 -17.40
C ASP B 74 -14.06 2.78 -17.83
N TYR B 75 -14.86 3.37 -16.93
CA TYR B 75 -16.28 3.61 -17.20
C TYR B 75 -16.60 5.10 -17.08
N ARG B 76 -17.52 5.56 -17.92
CA ARG B 76 -18.05 6.92 -17.81
C ARG B 76 -19.12 6.92 -16.72
N THR B 77 -18.72 7.27 -15.51
CA THR B 77 -19.62 7.27 -14.36
C THR B 77 -20.24 8.64 -14.13
N LYS B 78 -21.38 8.68 -13.44
CA LYS B 78 -22.01 9.93 -13.02
C LYS B 78 -21.19 10.58 -11.93
N SER B 79 -20.83 9.78 -10.93
CA SER B 79 -20.04 10.26 -9.81
C SER B 79 -19.29 9.10 -9.17
N VAL B 80 -18.23 9.42 -8.46
CA VAL B 80 -17.46 8.42 -7.71
C VAL B 80 -17.39 8.88 -6.26
N ASN B 81 -17.84 8.01 -5.35
CA ASN B 81 -17.97 8.38 -3.96
C ASN B 81 -17.34 7.33 -3.07
N ILE B 82 -16.32 7.74 -2.33
CA ILE B 82 -15.61 6.83 -1.44
C ILE B 82 -16.28 6.82 -0.08
N ILE B 83 -16.52 5.62 0.46
CA ILE B 83 -16.95 5.47 1.84
C ILE B 83 -15.96 4.50 2.47
N ALA B 84 -15.14 5.01 3.41
CA ALA B 84 -14.20 4.16 4.12
C ALA B 84 -14.73 4.04 5.53
N PRO B 85 -15.44 2.94 5.83
CA PRO B 85 -16.07 2.87 7.16
C PRO B 85 -15.07 3.14 8.28
N TYR B 86 -13.88 2.55 8.19
CA TYR B 86 -12.78 2.94 9.08
C TYR B 86 -11.69 3.59 8.25
N TYR B 87 -11.35 4.82 8.62
CA TYR B 87 -10.41 5.63 7.87
C TYR B 87 -9.02 5.51 8.50
N GLY B 88 -8.09 4.89 7.78
CA GLY B 88 -6.74 4.73 8.31
C GLY B 88 -5.94 6.01 8.39
N TYR B 89 -4.92 5.99 9.25
CA TYR B 89 -3.94 7.07 9.42
C TYR B 89 -4.49 8.35 10.02
N ALA B 90 -5.71 8.28 10.54
CA ALA B 90 -6.36 9.44 11.11
C ALA B 90 -5.73 9.78 12.45
N ARG B 91 -4.87 8.89 12.95
CA ARG B 91 -4.12 9.16 14.17
C ARG B 91 -2.89 10.00 13.88
N GLN B 92 -2.43 9.97 12.63
CA GLN B 92 -1.29 10.78 12.21
C GLN B 92 -1.79 11.96 11.39
N HIS B 93 -2.45 12.90 12.05
CA HIS B 93 -3.11 14.01 11.37
C HIS B 93 -2.35 15.32 11.52
N GLN B 94 -1.13 15.23 12.04
CA GLN B 94 -0.21 16.36 12.11
C GLN B 94 1.18 15.80 12.37
N ARG B 95 2.20 16.66 12.28
CA ARG B 95 3.56 16.26 12.64
C ARG B 95 3.83 16.48 14.14
N TYR B 96 4.25 15.43 14.84
CA TYR B 96 4.54 15.51 16.26
C TYR B 96 6.04 15.63 16.50
N LYS B 97 6.82 15.33 15.47
CA LYS B 97 8.27 15.56 15.49
C LYS B 97 8.67 16.05 14.09
N ASN B 98 9.76 16.78 13.99
CA ASN B 98 10.24 17.17 12.66
C ASN B 98 10.44 15.95 11.76
N GLY B 99 10.08 16.09 10.50
CA GLY B 99 10.36 15.07 9.52
C GLY B 99 9.41 13.90 9.52
N GLU B 100 8.32 14.01 10.26
CA GLU B 100 7.26 12.98 10.22
C GLU B 100 6.31 13.30 9.06
N PRO B 101 5.66 12.27 8.53
CA PRO B 101 4.62 12.57 7.53
C PRO B 101 3.35 13.04 8.23
N ILE B 102 2.56 13.86 7.57
CA ILE B 102 1.17 13.99 7.96
C ILE B 102 0.45 13.00 7.04
N SER B 103 0.44 11.74 7.47
CA SER B 103 -0.02 10.65 6.63
C SER B 103 -1.47 10.82 6.20
N SER B 104 -2.33 11.27 7.12
CA SER B 104 -3.75 11.44 6.75
C SER B 104 -3.91 12.54 5.71
N GLN B 105 -2.97 13.48 5.66
CA GLN B 105 -3.04 14.54 4.65
C GLN B 105 -2.76 14.03 3.24
N ILE B 106 -1.61 13.41 3.03
CA ILE B 106 -1.29 12.95 1.68
C ILE B 106 -2.30 11.90 1.19
N LEU B 107 -2.70 10.99 2.06
CA LEU B 107 -3.65 9.95 1.66
C LEU B 107 -5.03 10.54 1.31
N THR B 108 -5.48 11.47 2.13
CA THR B 108 -6.74 12.15 1.85
C THR B 108 -6.68 12.90 0.51
N GLU B 109 -5.55 13.55 0.24
CA GLU B 109 -5.36 14.28 -1.01
C GLU B 109 -5.47 13.33 -2.21
N ILE B 110 -4.87 12.16 -2.07
CA ILE B 110 -4.92 11.16 -3.13
C ILE B 110 -6.36 10.72 -3.38
N TYR B 111 -7.06 10.31 -2.33
CA TYR B 111 -8.44 9.85 -2.49
C TYR B 111 -9.32 10.94 -3.09
N SER B 112 -9.11 12.17 -2.63
CA SER B 112 -9.94 13.29 -3.06
C SER B 112 -9.73 13.60 -4.54
N SER B 113 -8.50 13.38 -5.02
CA SER B 113 -8.18 13.63 -6.42
C SER B 113 -8.92 12.71 -7.38
N TYR B 114 -9.37 11.56 -6.89
CA TYR B 114 -9.99 10.55 -7.75
C TYR B 114 -11.44 10.24 -7.38
N SER B 115 -12.06 11.13 -6.63
CA SER B 115 -13.45 10.93 -6.26
C SER B 115 -14.17 12.27 -6.22
N ASN B 116 -15.49 12.22 -6.10
CA ASN B 116 -16.33 13.40 -5.97
C ASN B 116 -16.71 13.65 -4.53
N SER B 117 -16.54 12.65 -3.68
CA SER B 117 -16.82 12.79 -2.25
C SER B 117 -16.14 11.68 -1.47
N ILE B 118 -15.94 11.91 -0.18
CA ILE B 118 -15.41 10.90 0.73
C ILE B 118 -16.28 10.93 2.00
N ALA B 119 -16.46 9.77 2.62
CA ALA B 119 -17.16 9.72 3.89
C ALA B 119 -16.51 8.62 4.70
N THR B 120 -16.54 8.77 6.02
CA THR B 120 -16.07 7.73 6.93
C THR B 120 -17.00 7.72 8.15
N VAL B 121 -16.89 6.70 8.99
CA VAL B 121 -17.69 6.66 10.22
C VAL B 121 -16.78 6.99 11.40
N ASP B 122 -17.11 8.05 12.13
CA ASP B 122 -16.36 8.41 13.34
C ASP B 122 -14.84 8.46 13.18
N ILE B 123 -14.39 9.44 12.41
CA ILE B 123 -12.97 9.64 12.16
C ILE B 123 -12.30 9.98 13.46
N HIS B 124 -11.05 9.54 13.63
CA HIS B 124 -10.41 9.73 14.94
C HIS B 124 -10.18 11.20 15.31
N ASP B 125 -9.92 12.04 14.33
CA ASP B 125 -9.84 13.49 14.57
C ASP B 125 -10.28 14.24 13.32
N GLU B 126 -11.24 15.15 13.47
CA GLU B 126 -11.89 15.78 12.33
C GLU B 126 -11.01 16.75 11.56
N LYS B 127 -9.82 17.04 12.09
CA LYS B 127 -8.88 17.88 11.37
C LYS B 127 -8.66 17.33 9.96
N THR B 128 -8.55 16.01 9.86
CA THR B 128 -8.28 15.35 8.58
C THR B 128 -9.32 15.66 7.50
N LEU B 129 -10.55 15.99 7.91
CA LEU B 129 -11.58 16.32 6.94
C LEU B 129 -11.12 17.51 6.09
N SER B 130 -10.36 18.41 6.71
CA SER B 130 -9.92 19.64 6.05
C SER B 130 -8.80 19.41 5.05
N TYR B 131 -8.29 18.18 4.97
CA TYR B 131 -7.23 17.85 4.00
C TYR B 131 -7.83 17.51 2.65
N SER B 132 -9.15 17.34 2.61
CA SER B 132 -9.84 16.88 1.40
C SER B 132 -10.37 18.01 0.52
N LYS B 133 -10.08 17.93 -0.78
CA LYS B 133 -10.59 18.89 -1.77
C LYS B 133 -12.10 18.73 -1.94
N VAL B 134 -12.58 17.50 -1.93
CA VAL B 134 -14.01 17.24 -2.05
C VAL B 134 -14.66 17.17 -0.66
N LYS B 135 -15.99 17.21 -0.59
CA LYS B 135 -16.69 17.13 0.70
C LYS B 135 -16.36 15.79 1.39
N PHE B 136 -15.90 15.87 2.63
CA PHE B 136 -15.49 14.70 3.39
C PHE B 136 -16.36 14.64 4.64
N SER B 137 -17.37 13.77 4.60
CA SER B 137 -18.39 13.71 5.64
C SER B 137 -17.99 12.71 6.73
N ASP B 138 -18.25 13.11 7.97
CA ASP B 138 -17.95 12.29 9.14
C ASP B 138 -19.27 11.77 9.72
N LEU B 139 -19.61 10.55 9.33
CA LEU B 139 -20.84 9.91 9.81
C LEU B 139 -20.63 9.42 11.24
N HIS B 140 -21.72 9.11 11.94
CA HIS B 140 -21.60 8.70 13.33
C HIS B 140 -22.38 7.45 13.68
N ALA B 141 -21.75 6.56 14.44
CA ALA B 141 -22.39 5.32 14.86
C ALA B 141 -23.32 5.51 16.07
N ASN B 142 -23.43 6.74 16.55
CA ASN B 142 -24.18 7.04 17.76
C ASN B 142 -25.55 6.39 17.82
N ASP B 143 -26.37 6.61 16.79
CA ASP B 143 -27.75 6.14 16.85
C ASP B 143 -27.80 4.61 16.87
N ALA B 144 -26.84 4.00 16.19
CA ALA B 144 -26.77 2.54 16.15
C ALA B 144 -26.40 2.00 17.52
N ILE B 145 -25.48 2.67 18.20
CA ILE B 145 -25.07 2.24 19.54
C ILE B 145 -26.23 2.42 20.50
N VAL B 146 -26.94 3.54 20.36
CA VAL B 146 -28.13 3.78 21.18
C VAL B 146 -29.17 2.69 20.96
N ARG B 147 -29.41 2.36 19.69
CA ARG B 147 -30.43 1.36 19.36
C ARG B 147 -30.11 0.04 20.05
N TYR B 148 -28.83 -0.32 20.12
CA TYR B 148 -28.43 -1.55 20.79
C TYR B 148 -28.65 -1.49 22.31
N TYR B 149 -28.21 -0.42 22.94
CA TYR B 149 -28.21 -0.32 24.39
C TYR B 149 -29.51 0.19 25.00
N LYS B 150 -30.48 0.56 24.17
CA LYS B 150 -31.78 0.95 24.73
C LYS B 150 -32.45 -0.28 25.36
N ASN B 151 -31.97 -1.47 24.98
CA ASN B 151 -32.45 -2.72 25.55
C ASN B 151 -31.45 -3.37 26.52
N VAL B 152 -30.57 -2.56 27.08
CA VAL B 152 -29.63 -3.02 28.09
C VAL B 152 -29.79 -2.16 29.34
N ASP B 153 -29.70 -2.77 30.50
CA ASP B 153 -29.76 -2.02 31.76
C ASP B 153 -28.45 -1.26 31.97
N VAL B 154 -28.50 0.06 31.81
CA VAL B 154 -27.31 0.91 31.91
C VAL B 154 -27.58 2.07 32.85
N ASP B 155 -26.66 2.34 33.78
CA ASP B 155 -26.77 3.50 34.66
C ASP B 155 -26.00 4.74 34.14
N TYR B 156 -24.75 4.54 33.71
CA TYR B 156 -23.94 5.64 33.18
C TYR B 156 -23.27 5.25 31.88
N VAL B 157 -23.11 6.21 30.99
CA VAL B 157 -22.23 6.06 29.84
C VAL B 157 -20.91 6.75 30.19
N VAL B 158 -19.80 6.15 29.79
CA VAL B 158 -18.50 6.58 30.28
C VAL B 158 -17.51 6.69 29.15
N SER B 159 -16.79 7.80 29.10
CA SER B 159 -15.61 7.89 28.25
C SER B 159 -14.36 7.50 29.05
N PRO B 160 -13.51 6.66 28.46
CA PRO B 160 -12.33 6.14 29.16
C PRO B 160 -11.21 7.17 29.23
N ASP B 161 -11.38 8.29 28.52
CA ASP B 161 -10.43 9.39 28.60
C ASP B 161 -11.16 10.70 28.40
N ASP B 162 -10.44 11.81 28.56
CA ASP B 162 -11.11 13.12 28.54
C ASP B 162 -11.25 13.67 27.13
N GLY B 163 -11.26 12.78 26.14
CA GLY B 163 -11.33 13.16 24.74
C GLY B 163 -12.58 12.80 23.94
N GLY B 164 -13.20 11.66 24.24
CA GLY B 164 -14.35 11.24 23.45
C GLY B 164 -15.66 11.68 24.09
N LEU B 165 -15.68 12.91 24.59
CA LEU B 165 -16.79 13.38 25.43
C LEU B 165 -18.09 13.68 24.70
N ALA B 166 -18.02 14.35 23.55
CA ALA B 166 -19.23 14.73 22.82
C ALA B 166 -20.06 13.52 22.42
N ARG B 167 -19.37 12.46 22.03
CA ARG B 167 -20.03 11.21 21.65
C ARG B 167 -20.73 10.57 22.86
N VAL B 168 -20.04 10.56 24.00
CA VAL B 168 -20.60 9.99 25.22
C VAL B 168 -21.77 10.85 25.72
N ALA B 169 -21.65 12.17 25.58
CA ALA B 169 -22.76 13.07 25.93
C ALA B 169 -23.99 12.80 25.06
N ASP B 170 -23.76 12.63 23.76
CA ASP B 170 -24.87 12.43 22.82
C ASP B 170 -25.53 11.09 23.04
N ILE B 171 -24.72 10.05 23.17
CA ILE B 171 -25.24 8.71 23.36
C ILE B 171 -26.01 8.61 24.67
N SER B 172 -25.46 9.16 25.75
CA SER B 172 -26.12 9.09 27.04
C SER B 172 -27.45 9.85 27.02
N ALA B 173 -27.48 10.99 26.35
CA ALA B 173 -28.71 11.77 26.28
C ALA B 173 -29.78 10.96 25.55
N LYS B 174 -29.38 10.27 24.49
CA LYS B 174 -30.36 9.50 23.71
C LYS B 174 -30.80 8.22 24.44
N LEU B 175 -30.01 7.77 25.41
CA LEU B 175 -30.43 6.65 26.26
C LEU B 175 -31.19 7.14 27.50
N GLY B 176 -31.17 8.45 27.73
CA GLY B 176 -31.79 9.02 28.91
C GLY B 176 -30.96 8.80 30.17
N LYS B 177 -29.64 8.67 30.00
CA LYS B 177 -28.72 8.34 31.09
C LYS B 177 -27.75 9.47 31.40
N LYS B 178 -27.20 9.47 32.62
CA LYS B 178 -26.10 10.35 32.97
C LYS B 178 -24.77 9.75 32.49
N HIS B 179 -23.70 10.53 32.58
CA HIS B 179 -22.41 10.11 32.04
C HIS B 179 -21.27 10.78 32.80
N PHE B 180 -20.08 10.23 32.63
CA PHE B 180 -18.87 10.83 33.16
C PHE B 180 -17.69 10.38 32.33
N PHE B 181 -16.53 10.96 32.57
CA PHE B 181 -15.35 10.43 31.92
C PHE B 181 -14.26 10.16 32.94
N ILE B 182 -13.30 9.34 32.54
CA ILE B 182 -12.14 9.08 33.37
C ILE B 182 -10.95 9.82 32.80
N GLU B 183 -10.22 10.53 33.67
CA GLU B 183 -8.96 11.13 33.25
C GLU B 183 -7.84 10.31 33.85
N LYS B 184 -7.04 9.67 33.00
CA LYS B 184 -5.90 8.90 33.48
C LYS B 184 -4.61 9.59 33.07
N LYS B 185 -3.71 9.77 34.02
CA LYS B 185 -2.42 10.35 33.69
C LYS B 185 -1.29 9.75 34.52
N ARG B 186 -0.11 9.69 33.91
CA ARG B 186 1.07 9.17 34.56
C ARG B 186 1.81 10.34 35.18
N ILE B 187 2.13 10.23 36.46
CA ILE B 187 2.88 11.25 37.18
C ILE B 187 4.00 10.53 37.92
N ASP B 188 5.17 10.46 37.30
CA ASP B 188 6.33 9.83 37.92
C ASP B 188 6.13 8.34 38.16
N ASP B 189 5.90 7.58 37.08
CA ASP B 189 5.76 6.12 37.18
C ASP B 189 4.52 5.68 37.96
N ARG B 190 3.80 6.63 38.55
CA ARG B 190 2.53 6.34 39.20
C ARG B 190 1.35 6.84 38.35
N THR B 191 0.33 6.00 38.21
CA THR B 191 -0.88 6.38 37.49
C THR B 191 -1.91 6.99 38.43
N VAL B 192 -2.47 8.12 38.03
CA VAL B 192 -3.58 8.74 38.79
C VAL B 192 -4.79 8.85 37.89
N GLU B 193 -5.94 8.37 38.38
CA GLU B 193 -7.17 8.47 37.61
C GLU B 193 -8.20 9.31 38.35
N MET B 194 -8.82 10.24 37.62
CA MET B 194 -9.92 11.04 38.18
C MET B 194 -11.18 10.73 37.39
N LYS B 195 -12.30 10.58 38.10
CA LYS B 195 -13.61 10.51 37.47
C LYS B 195 -14.26 11.89 37.47
N VAL B 196 -14.79 12.31 36.33
CA VAL B 196 -15.36 13.66 36.19
C VAL B 196 -16.73 13.62 35.55
N PRO B 197 -17.78 13.92 36.34
CA PRO B 197 -17.73 14.20 37.77
C PRO B 197 -17.41 12.94 38.55
N ASN B 198 -17.16 13.09 39.85
CA ASN B 198 -16.67 11.97 40.65
C ASN B 198 -17.80 11.05 41.10
N VAL B 199 -18.40 10.40 40.11
CA VAL B 199 -19.54 9.52 40.28
C VAL B 199 -19.20 8.28 41.11
N ASP B 200 -20.09 7.95 42.04
CA ASP B 200 -19.99 6.71 42.81
C ASP B 200 -20.51 5.55 41.96
N VAL B 201 -19.62 4.66 41.51
CA VAL B 201 -20.02 3.58 40.62
C VAL B 201 -20.37 2.28 41.32
N ASN B 202 -20.33 2.28 42.66
CA ASN B 202 -20.68 1.09 43.40
C ASN B 202 -22.09 0.57 43.04
N GLY B 203 -22.16 -0.69 42.63
CA GLY B 203 -23.41 -1.30 42.22
C GLY B 203 -24.01 -0.75 40.93
N LYS B 204 -23.21 -0.02 40.16
CA LYS B 204 -23.72 0.64 38.96
C LYS B 204 -23.30 -0.11 37.70
N LYS B 205 -24.14 -0.05 36.66
CA LYS B 205 -23.87 -0.70 35.37
C LYS B 205 -23.42 0.36 34.39
N LEU B 206 -22.23 0.15 33.83
CA LEU B 206 -21.53 1.20 33.09
C LEU B 206 -21.37 0.79 31.64
N LEU B 207 -21.59 1.72 30.73
CA LEU B 207 -21.30 1.52 29.30
C LEU B 207 -20.13 2.42 28.93
N ILE B 208 -18.98 1.81 28.64
CA ILE B 208 -17.80 2.56 28.26
C ILE B 208 -17.77 2.66 26.73
N VAL B 209 -17.64 3.88 26.21
CA VAL B 209 -17.63 4.08 24.76
C VAL B 209 -16.35 4.79 24.30
N ASP B 210 -15.74 4.29 23.22
CA ASP B 210 -14.55 4.93 22.64
C ASP B 210 -14.67 4.82 21.12
N ASP B 211 -13.83 5.55 20.38
CA ASP B 211 -13.96 5.49 18.93
C ASP B 211 -13.25 4.25 18.40
N ILE B 212 -12.04 4.00 18.91
CA ILE B 212 -11.23 2.89 18.43
C ILE B 212 -10.74 2.05 19.59
N ILE B 213 -10.80 0.72 19.44
CA ILE B 213 -10.03 -0.16 20.32
C ILE B 213 -8.91 -0.80 19.51
N SER B 214 -7.69 -0.44 19.82
CA SER B 214 -6.54 -1.08 19.19
C SER B 214 -5.83 -2.00 20.20
N THR B 215 -4.90 -1.45 20.98
CA THR B 215 -4.24 -2.27 21.98
C THR B 215 -5.10 -2.46 23.22
N GLY B 216 -6.13 -1.62 23.37
CA GLY B 216 -7.10 -1.80 24.44
C GLY B 216 -6.59 -1.41 25.81
N GLY B 217 -5.42 -0.77 25.86
CA GLY B 217 -4.80 -0.45 27.14
C GLY B 217 -5.60 0.45 28.06
N THR B 218 -6.07 1.57 27.51
CA THR B 218 -6.81 2.56 28.29
C THR B 218 -8.12 2.00 28.81
N ILE B 219 -8.82 1.26 27.97
CA ILE B 219 -10.09 0.67 28.37
C ILE B 219 -9.91 -0.49 29.35
N ALA B 220 -8.89 -1.32 29.15
CA ALA B 220 -8.68 -2.42 30.08
C ALA B 220 -8.36 -1.87 31.48
N LYS B 221 -7.52 -0.85 31.53
CA LYS B 221 -7.15 -0.21 32.79
C LYS B 221 -8.37 0.44 33.46
N SER B 222 -9.14 1.20 32.70
CA SER B 222 -10.30 1.89 33.26
C SER B 222 -11.33 0.86 33.75
N SER B 223 -11.52 -0.21 32.98
CA SER B 223 -12.45 -1.27 33.37
C SER B 223 -12.05 -1.89 34.71
N GLY B 224 -10.75 -2.09 34.90
CA GLY B 224 -10.25 -2.68 36.13
C GLY B 224 -10.47 -1.74 37.31
N LEU B 225 -10.23 -0.46 37.07
CA LEU B 225 -10.49 0.59 38.06
C LEU B 225 -11.94 0.62 38.51
N LEU B 226 -12.85 0.62 37.53
CA LEU B 226 -14.29 0.70 37.80
C LEU B 226 -14.78 -0.57 38.47
N ARG B 227 -14.28 -1.72 38.03
CA ARG B 227 -14.62 -2.99 38.68
C ARG B 227 -14.15 -2.93 40.13
N GLU B 228 -12.96 -2.40 40.36
CA GLU B 228 -12.38 -2.28 41.70
C GLU B 228 -13.25 -1.44 42.64
N LYS B 229 -13.89 -0.41 42.08
CA LYS B 229 -14.70 0.50 42.88
C LYS B 229 -16.14 0.04 43.01
N GLY B 230 -16.42 -1.17 42.55
CA GLY B 230 -17.71 -1.80 42.78
C GLY B 230 -18.72 -1.79 41.66
N ALA B 231 -18.32 -1.42 40.44
CA ALA B 231 -19.26 -1.50 39.32
C ALA B 231 -19.82 -2.92 39.24
N SER B 232 -21.13 -3.03 39.03
CA SER B 232 -21.75 -4.36 38.93
C SER B 232 -21.71 -4.96 37.51
N LYS B 233 -21.85 -4.11 36.49
CA LYS B 233 -21.69 -4.54 35.10
C LYS B 233 -20.87 -3.52 34.34
N ILE B 234 -20.03 -3.99 33.42
CA ILE B 234 -19.28 -3.07 32.56
C ILE B 234 -19.39 -3.54 31.11
N TYR B 235 -20.01 -2.72 30.28
CA TYR B 235 -20.12 -2.98 28.86
C TYR B 235 -19.12 -2.08 28.13
N VAL B 236 -18.39 -2.65 27.18
CA VAL B 236 -17.42 -1.89 26.41
C VAL B 236 -17.83 -1.85 24.95
N SER B 237 -17.99 -0.64 24.42
CA SER B 237 -18.26 -0.50 23.00
C SER B 237 -17.29 0.49 22.36
N ALA B 238 -17.06 0.28 21.08
CA ALA B 238 -16.26 1.21 20.30
C ALA B 238 -16.76 1.09 18.88
N VAL B 239 -16.51 2.12 18.09
CA VAL B 239 -16.93 2.09 16.70
C VAL B 239 -16.03 1.09 15.96
N HIS B 240 -14.71 1.25 16.06
CA HIS B 240 -13.78 0.46 15.26
C HIS B 240 -13.02 -0.54 16.12
N GLY B 241 -13.36 -1.82 16.01
CA GLY B 241 -12.71 -2.85 16.82
C GLY B 241 -11.53 -3.47 16.08
N LEU B 242 -10.36 -2.84 16.18
CA LEU B 242 -9.16 -3.38 15.55
C LEU B 242 -8.60 -4.60 16.31
N PHE B 243 -8.62 -4.53 17.63
CA PHE B 243 -8.15 -5.60 18.51
C PHE B 243 -6.78 -6.18 18.17
N VAL B 244 -5.73 -5.43 18.49
CA VAL B 244 -4.37 -5.96 18.33
C VAL B 244 -3.85 -6.59 19.63
N ASN B 245 -2.96 -7.57 19.51
CA ASN B 245 -2.17 -8.09 20.64
C ASN B 245 -2.92 -8.53 21.91
N GLY B 246 -4.06 -9.18 21.75
CA GLY B 246 -4.78 -9.68 22.91
C GLY B 246 -5.71 -8.66 23.54
N SER B 247 -5.88 -7.52 22.89
CA SER B 247 -6.69 -6.43 23.46
C SER B 247 -8.04 -6.87 23.99
N GLU B 248 -8.79 -7.66 23.22
CA GLU B 248 -10.13 -8.05 23.67
C GLU B 248 -10.08 -8.86 24.96
N ASN B 249 -9.11 -9.74 25.09
CA ASN B 249 -8.94 -10.50 26.33
C ASN B 249 -8.48 -9.66 27.53
N LYS B 250 -7.60 -8.69 27.30
CA LYS B 250 -7.19 -7.77 28.35
C LYS B 250 -8.39 -7.00 28.85
N ILE B 251 -9.24 -6.58 27.92
CA ILE B 251 -10.44 -5.85 28.31
C ILE B 251 -11.41 -6.74 29.09
N LEU B 252 -11.62 -7.95 28.60
CA LEU B 252 -12.55 -8.89 29.23
C LEU B 252 -12.08 -9.44 30.56
N GLN B 253 -10.85 -9.12 30.96
CA GLN B 253 -10.37 -9.48 32.29
C GLN B 253 -11.26 -8.81 33.33
N ASN B 254 -11.78 -7.63 32.96
CA ASN B 254 -12.56 -6.84 33.93
C ASN B 254 -13.91 -6.32 33.43
N ALA B 255 -14.07 -6.22 32.12
CA ALA B 255 -15.36 -5.88 31.52
C ALA B 255 -16.18 -7.15 31.28
N ASP B 256 -17.49 -7.00 31.25
CA ASP B 256 -18.37 -8.16 31.03
C ASP B 256 -18.55 -8.52 29.57
N GLU B 257 -18.76 -7.52 28.71
CA GLU B 257 -19.04 -7.77 27.29
C GLU B 257 -18.40 -6.69 26.43
N ILE B 258 -18.03 -7.07 25.20
CA ILE B 258 -17.59 -6.11 24.20
C ILE B 258 -18.54 -6.14 23.01
N HIS B 259 -19.00 -4.97 22.57
CA HIS B 259 -19.81 -4.88 21.35
C HIS B 259 -19.33 -3.71 20.51
N VAL B 260 -18.83 -4.00 19.32
CA VAL B 260 -18.37 -2.95 18.43
C VAL B 260 -19.18 -3.00 17.15
N THR B 261 -18.93 -2.05 16.23
CA THR B 261 -19.70 -2.05 14.99
C THR B 261 -19.05 -2.90 13.91
N ASP B 262 -19.66 -2.88 12.73
CA ASP B 262 -19.13 -3.63 11.61
C ASP B 262 -18.28 -2.78 10.67
N THR B 263 -17.83 -1.61 11.11
CA THR B 263 -16.88 -0.85 10.29
C THR B 263 -15.63 -1.70 10.08
N VAL B 264 -15.21 -2.37 11.15
CA VAL B 264 -14.18 -3.40 11.08
C VAL B 264 -14.83 -4.69 11.57
N GLU B 265 -14.98 -5.67 10.68
CA GLU B 265 -15.71 -6.88 11.03
C GLU B 265 -14.91 -7.85 11.89
N SER B 266 -15.47 -8.22 13.03
CA SER B 266 -14.90 -9.26 13.89
C SER B 266 -16.05 -9.98 14.57
N LYS B 267 -15.75 -10.97 15.41
CA LYS B 267 -16.81 -11.65 16.13
C LYS B 267 -17.50 -10.75 17.15
N PHE B 268 -16.94 -9.56 17.38
CA PHE B 268 -17.54 -8.62 18.33
C PHE B 268 -18.45 -7.60 17.65
N SER B 269 -18.58 -7.71 16.33
CA SER B 269 -19.33 -6.75 15.53
C SER B 269 -20.84 -6.99 15.66
N ASP B 270 -21.42 -6.49 16.75
CA ASP B 270 -22.84 -6.73 17.07
C ASP B 270 -23.74 -5.53 16.75
N ILE B 271 -23.14 -4.43 16.34
CA ILE B 271 -23.89 -3.20 16.10
C ILE B 271 -23.60 -2.70 14.69
N SER B 272 -24.57 -2.85 13.79
CA SER B 272 -24.30 -2.45 12.41
C SER B 272 -24.59 -0.98 12.19
N VAL B 273 -23.73 -0.33 11.43
CA VAL B 273 -23.94 1.06 11.05
C VAL B 273 -24.55 1.18 9.65
N TYR B 274 -25.09 0.09 9.14
CA TYR B 274 -25.63 0.11 7.77
C TYR B 274 -26.67 1.22 7.54
N GLN B 275 -27.55 1.49 8.51
CA GLN B 275 -28.58 2.51 8.29
C GLN B 275 -27.99 3.91 8.19
N GLU B 276 -26.99 4.21 9.02
CA GLU B 276 -26.35 5.52 8.96
C GLU B 276 -25.68 5.74 7.59
N VAL B 277 -24.98 4.73 7.10
CA VAL B 277 -24.35 4.83 5.78
C VAL B 277 -25.40 4.88 4.67
N CYS B 278 -26.47 4.11 4.80
CA CYS B 278 -27.56 4.19 3.83
C CYS B 278 -28.18 5.59 3.75
N ASN B 279 -28.32 6.26 4.88
CA ASN B 279 -28.91 7.59 4.89
C ASN B 279 -28.02 8.55 4.12
N TYR B 280 -26.72 8.45 4.37
CA TYR B 280 -25.75 9.27 3.67
C TYR B 280 -25.83 9.00 2.16
N ILE B 281 -25.88 7.72 1.78
CA ILE B 281 -25.93 7.36 0.38
C ILE B 281 -27.17 7.97 -0.29
N ARG B 282 -28.32 7.82 0.37
CA ARG B 282 -29.58 8.38 -0.15
C ARG B 282 -29.45 9.88 -0.40
N ASP B 283 -28.77 10.57 0.51
CA ASP B 283 -28.58 12.01 0.40
C ASP B 283 -27.80 12.39 -0.86
N ILE B 284 -26.73 11.64 -1.14
CA ILE B 284 -25.88 11.92 -2.28
C ILE B 284 -26.52 11.43 -3.58
N ASP B 285 -27.58 10.63 -3.44
CA ASP B 285 -28.51 10.26 -4.51
C ASP B 285 -28.24 8.93 -5.20
N ALA B 286 -29.16 8.49 -5.97
CA ALA B 286 -29.02 7.27 -6.77
C ALA B 286 -29.75 6.09 -6.13
S SO4 C . 8.82 -14.72 -15.58
O1 SO4 C . 8.54 -13.41 -16.16
O2 SO4 C . 8.80 -15.74 -16.63
O3 SO4 C . 10.10 -14.71 -14.89
O4 SO4 C . 7.79 -15.03 -14.57
S SO4 D . 8.11 -6.11 1.30
O1 SO4 D . 8.20 -4.73 0.85
O2 SO4 D . 8.45 -6.99 0.18
O3 SO4 D . 9.05 -6.35 2.39
O4 SO4 D . 6.76 -6.41 1.80
S SO4 E . 30.44 -3.53 -2.34
O1 SO4 E . 30.77 -4.37 -3.49
O2 SO4 E . 29.63 -4.30 -1.38
O3 SO4 E . 31.68 -3.10 -1.71
O4 SO4 E . 29.68 -2.35 -2.76
PB ADP F . -3.56 14.11 19.31
O1B ADP F . -4.26 12.94 18.66
O2B ADP F . -2.97 15.12 18.34
O3B ADP F . -4.36 14.75 20.43
PA ADP F . -2.22 11.97 20.65
O1A ADP F . -3.61 11.56 21.13
O2A ADP F . -1.04 11.89 21.59
O3A ADP F . -2.29 13.50 20.11
O5' ADP F . -1.77 11.10 19.46
C5' ADP F . -0.72 11.45 18.56
C4' ADP F . 0.33 10.34 18.55
O4' ADP F . -0.18 9.11 18.03
C3' ADP F . 1.50 10.75 17.67
O3' ADP F . 2.71 10.48 18.37
C2' ADP F . 1.42 9.82 16.47
O2' ADP F . 2.72 9.58 15.94
C1' ADP F . 0.76 8.60 17.09
N9 ADP F . 0.13 7.72 16.07
C8 ADP F . -0.10 8.01 14.77
N7 ADP F . -0.66 6.96 14.13
C5 ADP F . -0.79 5.97 15.02
C6 ADP F . -1.31 4.58 15.01
N6 ADP F . -1.82 4.06 13.87
N1 ADP F . -1.26 3.88 16.17
C2 ADP F . -0.75 4.41 17.30
N3 ADP F . -0.26 5.65 17.39
C4 ADP F . -0.25 6.47 16.30
MG MG G . -3.77 10.83 19.09
S SO4 H . -5.88 1.75 22.48
O1 SO4 H . -6.17 2.97 21.73
O2 SO4 H . -6.91 0.75 22.20
O3 SO4 H . -4.56 1.25 22.07
O4 SO4 H . -5.85 2.03 23.92
S SO4 I . -4.90 -7.12 5.38
O1 SO4 I . -5.62 -5.99 4.78
O2 SO4 I . -5.49 -8.38 4.95
O3 SO4 I . -3.50 -7.12 4.96
O4 SO4 I . -4.98 -7.00 6.83
S SO4 J . -14.51 7.03 44.29
O1 SO4 J . -15.94 6.92 44.00
O2 SO4 J . -14.07 5.88 45.09
O3 SO4 J . -13.74 7.06 43.05
O4 SO4 J . -14.25 8.26 45.03
#